data_6SJ5
#
_entry.id   6SJ5
#
_cell.length_a   37.107
_cell.length_b   117.601
_cell.length_c   121.217
_cell.angle_alpha   90.000
_cell.angle_beta   90.000
_cell.angle_gamma   90.000
#
_symmetry.space_group_name_H-M   'P 21 21 21'
#
loop_
_entity.id
_entity.type
_entity.pdbx_description
1 polymer 'Ribosomal silencing factor RsfS'
2 polymer '50S ribosomal protein L14'
3 non-polymer 'ACETIC ACID'
4 non-polymer 'PHOSPHATE ION'
5 water water
#
loop_
_entity_poly.entity_id
_entity_poly.type
_entity_poly.pdbx_seq_one_letter_code
_entity_poly.pdbx_strand_id
1 'polypeptide(L)'
;MNSQELLAIAVDAIDNKKGEDTISLEMKGISDMTDYFVVTHGNNERQVQAIARAVKEVANEQNIEVKRMEGYNEARWILI
DLADVVVHVFHKDERNYYNIEKLYQDAPLESYGQVAY
;
A,B
2 'polypeptide(L)'
;MGSSHHHHHHSSGLVPRGSHMIQQETRLKVADNSGAREVLTIKVLGGSGRKTANIGDVIVCTVKNATPGGVVKKGDVVKA
VIVRTKSGVRRNDGSYIKFDENACVIIRDDKGPRGTRIFGPVARELREGNFMKIVSLAPEVL
;
C,D
#
loop_
_chem_comp.id
_chem_comp.type
_chem_comp.name
_chem_comp.formula
ACY non-polymer 'ACETIC ACID' 'C2 H4 O2'
PO4 non-polymer 'PHOSPHATE ION' 'O4 P -3'
#
# COMPACT_ATOMS: atom_id res chain seq x y z
N MET A 1 1.47 18.66 39.42
CA MET A 1 0.07 18.99 39.18
C MET A 1 -0.79 17.75 38.90
N ASN A 2 -2.09 17.95 39.03
CA ASN A 2 -3.04 16.91 38.73
C ASN A 2 -3.61 17.07 37.32
N SER A 3 -4.19 15.98 36.82
CA SER A 3 -4.61 15.93 35.42
C SER A 3 -5.59 17.04 35.04
N GLN A 4 -6.45 17.44 35.99
CA GLN A 4 -7.37 18.55 35.74
C GLN A 4 -6.64 19.83 35.31
N GLU A 5 -5.63 20.26 36.07
CA GLU A 5 -4.94 21.47 35.62
C GLU A 5 -4.05 21.18 34.42
N LEU A 6 -3.55 19.95 34.26
CA LEU A 6 -2.86 19.65 33.01
C LEU A 6 -3.82 19.73 31.82
N LEU A 7 -5.04 19.19 31.98
CA LEU A 7 -6.13 19.37 31.02
C LEU A 7 -6.32 20.84 30.68
N ALA A 8 -6.53 21.67 31.72
CA ALA A 8 -6.75 23.08 31.50
C ALA A 8 -5.65 23.68 30.65
N ILE A 9 -4.39 23.27 30.88
CA ILE A 9 -3.24 23.83 30.15
C ILE A 9 -3.29 23.44 28.68
N ALA A 10 -3.49 22.15 28.43
CA ALA A 10 -3.52 21.67 27.06
C ALA A 10 -4.59 22.38 26.24
N VAL A 11 -5.78 22.59 26.82
CA VAL A 11 -6.81 23.22 26.00
C VAL A 11 -6.44 24.68 25.72
N ASP A 12 -5.77 25.36 26.66
CA ASP A 12 -5.31 26.72 26.40
C ASP A 12 -4.35 26.76 25.21
N ALA A 13 -3.36 25.87 25.22
CA ALA A 13 -2.47 25.76 24.07
C ALA A 13 -3.25 25.48 22.79
N ILE A 14 -4.28 24.64 22.86
CA ILE A 14 -5.07 24.36 21.67
C ILE A 14 -5.86 25.58 21.26
N ASP A 15 -6.53 26.24 22.22
CA ASP A 15 -7.26 27.45 21.87
C ASP A 15 -6.32 28.50 21.30
N ASN A 16 -5.08 28.52 21.74
CA ASN A 16 -4.11 29.50 21.24
C ASN A 16 -3.94 29.38 19.74
N LYS A 17 -3.77 28.16 19.23
CA LYS A 17 -3.66 27.96 17.80
C LYS A 17 -5.03 27.77 17.13
N LYS A 18 -6.09 28.29 17.75
CA LYS A 18 -7.45 28.20 17.20
C LYS A 18 -7.83 26.76 16.87
N GLY A 19 -7.77 25.91 17.91
CA GLY A 19 -8.25 24.56 17.76
C GLY A 19 -9.77 24.52 17.74
N GLU A 20 -10.33 23.82 16.76
CA GLU A 20 -11.76 23.82 16.52
C GLU A 20 -12.47 22.73 17.31
N ASP A 21 -13.64 23.07 17.83
CA ASP A 21 -14.58 22.06 18.32
C ASP A 21 -13.92 21.19 19.38
N THR A 22 -13.15 21.85 20.25
CA THR A 22 -12.26 21.16 21.16
C THR A 22 -13.05 20.60 22.33
N ILE A 23 -12.90 19.32 22.58
CA ILE A 23 -13.64 18.72 23.67
C ILE A 23 -12.67 17.92 24.52
N SER A 24 -13.03 17.78 25.81
CA SER A 24 -12.42 16.80 26.68
C SER A 24 -13.45 15.77 27.15
N LEU A 25 -12.94 14.55 27.32
CA LEU A 25 -13.65 13.40 27.85
C LEU A 25 -13.00 12.99 29.17
N GLU A 26 -13.83 12.72 30.17
CA GLU A 26 -13.28 12.22 31.43
C GLU A 26 -13.18 10.71 31.32
N MET A 27 -11.95 10.19 31.33
CA MET A 27 -11.74 8.77 31.15
C MET A 27 -11.52 8.02 32.47
N LYS A 28 -11.69 8.68 33.61
CA LYS A 28 -11.34 8.08 34.90
C LYS A 28 -12.18 6.82 35.17
N GLY A 29 -13.49 6.92 34.99
CA GLY A 29 -14.29 5.73 35.19
C GLY A 29 -13.98 4.63 34.19
N ILE A 30 -13.47 5.00 33.02
CA ILE A 30 -13.51 4.12 31.86
C ILE A 30 -12.15 3.52 31.51
N SER A 31 -11.06 4.08 32.02
CA SER A 31 -9.74 3.63 31.61
C SER A 31 -8.72 3.75 32.74
N ASP A 32 -7.74 2.85 32.71
CA ASP A 32 -6.57 2.97 33.57
C ASP A 32 -5.43 3.75 32.95
N MET A 33 -5.49 3.99 31.64
CA MET A 33 -4.31 4.52 30.97
C MET A 33 -4.19 6.02 31.13
N THR A 34 -5.31 6.71 31.25
CA THR A 34 -5.26 8.15 31.31
C THR A 34 -6.47 8.64 32.07
N ASP A 35 -6.49 9.94 32.36
CA ASP A 35 -7.65 10.56 32.99
C ASP A 35 -8.53 11.35 32.01
N TYR A 36 -7.91 11.99 31.04
CA TYR A 36 -8.67 12.77 30.08
C TYR A 36 -8.23 12.53 28.65
N PHE A 37 -9.20 12.58 27.75
CA PHE A 37 -8.93 12.58 26.34
C PHE A 37 -9.34 13.96 25.87
N VAL A 38 -8.49 14.59 25.09
CA VAL A 38 -8.83 15.86 24.48
C VAL A 38 -8.96 15.58 23.00
N VAL A 39 -9.95 16.19 22.36
CA VAL A 39 -10.13 16.01 20.93
C VAL A 39 -10.38 17.38 20.33
N THR A 40 -9.63 17.69 19.28
CA THR A 40 -9.72 18.97 18.60
C THR A 40 -9.23 18.72 17.19
N HIS A 41 -9.37 19.73 16.34
CA HIS A 41 -8.90 19.58 14.96
C HIS A 41 -8.46 20.92 14.40
N GLY A 42 -7.73 20.84 13.29
CA GLY A 42 -7.32 21.99 12.53
C GLY A 42 -7.77 21.84 11.09
N ASN A 43 -7.69 22.95 10.36
CA ASN A 43 -8.26 22.99 9.02
C ASN A 43 -7.27 22.60 7.93
N ASN A 44 -5.98 22.53 8.25
CA ASN A 44 -4.92 22.19 7.29
C ASN A 44 -3.80 21.44 8.00
N GLU A 45 -2.96 20.74 7.22
CA GLU A 45 -1.92 19.91 7.82
C GLU A 45 -0.88 20.71 8.59
N ARG A 46 -0.66 21.98 8.24
CA ARG A 46 0.22 22.82 9.05
C ARG A 46 -0.41 23.13 10.40
N GLN A 47 -1.70 23.49 10.41
CA GLN A 47 -2.34 23.87 11.67
C GLN A 47 -2.41 22.70 12.63
N VAL A 48 -2.62 21.48 12.12
CA VAL A 48 -2.60 20.33 13.00
C VAL A 48 -1.18 20.12 13.56
N GLN A 49 -0.16 20.35 12.73
CA GLN A 49 1.19 20.22 13.25
C GLN A 49 1.50 21.34 14.25
N ALA A 50 0.98 22.53 14.01
CA ALA A 50 1.21 23.61 14.96
C ALA A 50 0.49 23.39 16.29
N ILE A 51 -0.77 22.93 16.27
CA ILE A 51 -1.48 22.70 17.52
C ILE A 51 -0.74 21.66 18.34
N ALA A 52 -0.20 20.64 17.68
CA ALA A 52 0.57 19.62 18.37
C ALA A 52 1.80 20.23 19.05
N ARG A 53 2.60 20.98 18.29
CA ARG A 53 3.78 21.60 18.87
C ARG A 53 3.38 22.51 20.03
N ALA A 54 2.31 23.30 19.85
CA ALA A 54 1.81 24.16 20.92
C ALA A 54 1.46 23.36 22.18
N VAL A 55 0.85 22.18 22.02
CA VAL A 55 0.59 21.34 23.19
C VAL A 55 1.91 20.87 23.81
N LYS A 56 2.86 20.42 22.99
CA LYS A 56 4.19 20.07 23.50
C LYS A 56 4.84 21.24 24.23
N GLU A 57 4.88 22.41 23.59
CA GLU A 57 5.62 23.54 24.12
C GLU A 57 5.06 24.00 25.45
N VAL A 58 3.73 24.24 25.52
CA VAL A 58 3.13 24.71 26.76
C VAL A 58 3.21 23.66 27.85
N ALA A 59 3.51 22.43 27.50
CA ALA A 59 3.64 21.36 28.46
C ALA A 59 5.09 21.18 28.88
N ASN A 60 6.02 21.47 27.96
CA ASN A 60 7.43 21.63 28.32
C ASN A 60 7.59 22.81 29.28
N GLU A 61 6.98 23.92 28.92
CA GLU A 61 7.21 25.19 29.59
C GLU A 61 6.88 25.05 31.06
N GLN A 62 5.99 24.12 31.40
CA GLN A 62 5.70 23.81 32.78
C GLN A 62 6.37 22.50 33.18
N ASN A 63 7.32 22.06 32.37
CA ASN A 63 8.10 20.86 32.69
C ASN A 63 7.29 19.57 32.79
N ILE A 64 6.39 19.38 31.83
CA ILE A 64 5.86 18.05 31.56
C ILE A 64 6.53 17.45 30.34
N GLU A 65 6.97 16.20 30.46
CA GLU A 65 7.60 15.56 29.32
C GLU A 65 6.51 15.03 28.40
N VAL A 66 6.41 15.58 27.19
CA VAL A 66 5.69 14.90 26.13
C VAL A 66 6.33 13.53 25.96
N LYS A 67 5.58 12.47 26.24
CA LYS A 67 6.13 11.11 26.23
C LYS A 67 6.34 10.59 24.81
N ARG A 68 5.50 11.00 23.87
CA ARG A 68 5.57 10.58 22.48
C ARG A 68 4.60 11.43 21.66
N MET A 69 4.93 11.63 20.40
CA MET A 69 4.01 12.13 19.41
C MET A 69 3.89 11.07 18.34
N GLU A 70 2.66 10.74 17.98
CA GLU A 70 2.39 9.68 17.02
C GLU A 70 1.70 10.34 15.82
N GLY A 71 2.15 9.97 14.62
CA GLY A 71 1.64 10.56 13.38
C GLY A 71 1.86 12.04 13.23
N TYR A 72 2.93 12.59 13.83
CA TYR A 72 3.26 13.99 13.60
C TYR A 72 3.57 14.28 12.13
N ASN A 73 4.33 13.40 11.48
CA ASN A 73 4.75 13.70 10.11
C ASN A 73 3.55 13.79 9.18
N GLU A 74 2.72 12.74 9.18
CA GLU A 74 1.59 12.69 8.27
C GLU A 74 0.55 13.75 8.59
N ALA A 75 0.47 14.22 9.83
CA ALA A 75 -0.39 15.35 10.19
C ALA A 75 -1.89 15.07 9.95
N ARG A 76 -2.34 13.81 9.93
CA ARG A 76 -3.77 13.50 9.84
C ARG A 76 -4.41 13.30 11.21
N TRP A 77 -3.81 12.42 12.01
CA TRP A 77 -4.13 12.23 13.42
C TRP A 77 -2.79 12.21 14.16
N ILE A 78 -2.56 13.24 14.98
CA ILE A 78 -1.38 13.39 15.83
C ILE A 78 -1.82 13.13 17.26
N LEU A 79 -1.35 12.02 17.85
CA LEU A 79 -1.66 11.72 19.24
C LEU A 79 -0.49 12.16 20.13
N ILE A 80 -0.77 13.08 21.06
CA ILE A 80 0.21 13.56 22.03
C ILE A 80 -0.11 12.98 23.39
N ASP A 81 0.67 11.96 23.80
CA ASP A 81 0.57 11.33 25.11
C ASP A 81 1.30 12.17 26.18
N LEU A 82 0.52 12.79 27.05
CA LEU A 82 1.01 13.42 28.27
C LEU A 82 0.76 12.50 29.47
N ALA A 83 0.34 11.28 29.17
CA ALA A 83 0.08 10.21 30.13
C ALA A 83 -1.17 10.38 30.97
N ASP A 84 -1.22 11.41 31.81
CA ASP A 84 -2.43 11.72 32.53
C ASP A 84 -3.52 12.21 31.57
N VAL A 85 -3.09 13.01 30.60
CA VAL A 85 -3.96 13.55 29.58
C VAL A 85 -3.44 13.17 28.20
N VAL A 86 -4.34 12.69 27.35
CA VAL A 86 -3.96 12.34 25.97
C VAL A 86 -4.70 13.28 25.01
N VAL A 87 -3.95 13.95 24.15
CA VAL A 87 -4.50 14.97 23.28
C VAL A 87 -4.53 14.44 21.85
N HIS A 88 -5.72 14.36 21.25
CA HIS A 88 -5.83 13.94 19.85
C HIS A 88 -6.01 15.19 19.01
N VAL A 89 -5.12 15.39 18.04
CA VAL A 89 -5.26 16.48 17.08
C VAL A 89 -5.53 15.88 15.70
N PHE A 90 -6.65 16.27 15.12
CA PHE A 90 -7.15 15.72 13.88
C PHE A 90 -7.19 16.73 12.75
N HIS A 91 -6.87 16.27 11.54
CA HIS A 91 -7.14 17.04 10.34
C HIS A 91 -8.65 17.12 10.17
N LYS A 92 -9.16 18.29 9.80
CA LYS A 92 -10.61 18.49 9.67
C LYS A 92 -11.34 17.31 9.01
N ASP A 93 -10.76 16.77 7.94
CA ASP A 93 -11.37 15.72 7.12
C ASP A 93 -11.18 14.34 7.69
N GLU A 94 -10.47 14.22 8.81
CA GLU A 94 -10.26 12.93 9.43
C GLU A 94 -11.06 12.73 10.71
N ARG A 95 -11.43 13.82 11.39
CA ARG A 95 -12.01 13.69 12.72
C ARG A 95 -13.24 12.79 12.72
N ASN A 96 -14.20 13.10 11.82
CA ASN A 96 -15.44 12.35 11.71
C ASN A 96 -15.20 10.89 11.39
N TYR A 97 -14.13 10.55 10.66
CA TYR A 97 -13.84 9.11 10.45
C TYR A 97 -13.70 8.37 11.78
N TYR A 98 -12.96 8.94 12.75
CA TYR A 98 -12.62 8.21 13.97
C TYR A 98 -13.71 8.34 15.04
N ASN A 99 -14.25 9.54 15.16
CA ASN A 99 -15.39 9.80 16.03
C ASN A 99 -15.14 9.27 17.43
N ILE A 100 -14.05 9.76 18.01
CA ILE A 100 -13.65 9.39 19.37
C ILE A 100 -14.78 9.64 20.34
N GLU A 101 -15.39 10.82 20.24
CA GLU A 101 -16.51 11.19 21.10
C GLU A 101 -17.59 10.09 21.11
N LYS A 102 -17.93 9.56 19.93
CA LYS A 102 -19.04 8.60 19.89
C LYS A 102 -18.57 7.22 20.33
N LEU A 103 -17.29 6.92 20.17
CA LEU A 103 -16.76 5.70 20.76
C LEU A 103 -16.83 5.73 22.28
N TYR A 104 -16.54 6.87 22.90
CA TYR A 104 -16.78 7.01 24.34
C TYR A 104 -17.98 7.91 24.60
N GLN A 105 -19.16 7.51 24.10
CA GLN A 105 -20.32 8.39 24.22
C GLN A 105 -20.90 8.42 25.63
N ASP A 106 -20.45 7.54 26.52
CA ASP A 106 -20.79 7.60 27.94
C ASP A 106 -19.74 8.30 28.79
N ALA A 107 -18.60 8.74 28.20
CA ALA A 107 -17.74 9.48 29.10
C ALA A 107 -18.23 10.92 29.25
N PRO A 108 -18.13 11.47 30.48
CA PRO A 108 -18.36 12.90 30.69
C PRO A 108 -17.63 13.78 29.70
N LEU A 109 -18.37 14.46 28.82
CA LEU A 109 -17.77 15.32 27.82
C LEU A 109 -17.90 16.76 28.25
N GLU A 110 -16.85 17.55 28.00
CA GLU A 110 -16.86 18.98 28.21
C GLU A 110 -16.38 19.62 26.92
N SER A 111 -16.98 20.73 26.50
CA SER A 111 -16.52 21.43 25.31
C SER A 111 -16.14 22.85 25.67
N TYR A 112 -15.43 23.52 24.76
CA TYR A 112 -14.86 24.83 25.09
C TYR A 112 -15.03 25.84 23.96
N MET B 1 -6.20 -11.47 -41.35
CA MET B 1 -5.89 -10.16 -41.92
C MET B 1 -4.44 -9.78 -41.70
N ASN B 2 -4.09 -8.55 -42.06
CA ASN B 2 -2.74 -8.05 -41.86
C ASN B 2 -2.71 -7.03 -40.72
N SER B 3 -1.49 -6.59 -40.40
CA SER B 3 -1.28 -5.66 -39.29
C SER B 3 -2.20 -4.45 -39.43
N GLN B 4 -2.16 -3.80 -40.60
CA GLN B 4 -2.95 -2.61 -40.84
C GLN B 4 -4.45 -2.87 -40.63
N GLU B 5 -4.99 -3.89 -41.31
CA GLU B 5 -6.42 -4.16 -41.26
C GLU B 5 -6.89 -4.41 -39.84
N LEU B 6 -6.13 -5.25 -39.10
CA LEU B 6 -6.34 -5.42 -37.67
C LEU B 6 -6.37 -4.07 -36.95
N LEU B 7 -5.42 -3.20 -37.26
CA LEU B 7 -5.38 -1.85 -36.66
C LEU B 7 -6.68 -1.10 -36.93
N ALA B 8 -7.18 -1.16 -38.16
CA ALA B 8 -8.38 -0.40 -38.52
C ALA B 8 -9.59 -0.83 -37.69
N ILE B 9 -9.79 -2.14 -37.53
CA ILE B 9 -10.95 -2.58 -36.78
C ILE B 9 -10.81 -2.25 -35.30
N ALA B 10 -9.57 -2.20 -34.78
CA ALA B 10 -9.36 -1.77 -33.40
C ALA B 10 -9.76 -0.30 -33.23
N VAL B 11 -9.18 0.59 -34.04
CA VAL B 11 -9.56 2.00 -33.93
C VAL B 11 -11.07 2.16 -34.13
N ASP B 12 -11.66 1.28 -34.95
CA ASP B 12 -13.09 1.33 -35.19
C ASP B 12 -13.89 0.94 -33.94
N ALA B 13 -13.59 -0.25 -33.39
CA ALA B 13 -14.25 -0.66 -32.15
C ALA B 13 -14.10 0.39 -31.05
N ILE B 14 -13.00 1.15 -31.07
CA ILE B 14 -12.78 2.17 -30.06
C ILE B 14 -13.67 3.39 -30.33
N ASP B 15 -13.80 3.77 -31.61
CA ASP B 15 -14.68 4.89 -31.97
C ASP B 15 -16.10 4.65 -31.51
N ASN B 16 -16.67 3.47 -31.82
CA ASN B 16 -18.02 3.15 -31.40
C ASN B 16 -18.25 3.44 -29.92
N LYS B 17 -17.27 3.14 -29.09
CA LYS B 17 -17.42 3.31 -27.64
C LYS B 17 -16.75 4.58 -27.14
N LYS B 18 -16.76 5.64 -27.96
CA LYS B 18 -16.38 7.00 -27.55
C LYS B 18 -14.87 7.08 -27.23
N GLY B 19 -14.06 6.59 -28.15
CA GLY B 19 -12.63 6.65 -28.00
C GLY B 19 -12.21 8.11 -28.02
N GLU B 20 -11.26 8.46 -27.17
CA GLU B 20 -10.84 9.85 -27.05
C GLU B 20 -9.39 10.02 -27.48
N ASP B 21 -9.16 11.02 -28.32
CA ASP B 21 -7.82 11.29 -28.89
C ASP B 21 -7.09 10.04 -29.22
N THR B 22 -7.79 9.10 -29.84
CA THR B 22 -7.20 7.86 -30.29
C THR B 22 -6.10 8.14 -31.30
N ILE B 23 -4.97 7.44 -31.13
CA ILE B 23 -3.80 7.60 -32.01
C ILE B 23 -3.12 6.26 -32.10
N SER B 24 -2.26 6.12 -33.12
CA SER B 24 -1.58 4.85 -33.38
C SER B 24 -0.11 5.10 -33.72
N LEU B 25 0.78 4.28 -33.18
CA LEU B 25 2.21 4.43 -33.41
C LEU B 25 2.74 3.20 -34.12
N GLU B 26 3.44 3.41 -35.22
CA GLU B 26 4.01 2.31 -35.99
C GLU B 26 5.34 1.92 -35.37
N MET B 27 5.39 0.74 -34.78
CA MET B 27 6.57 0.27 -34.06
C MET B 27 7.42 -0.71 -34.85
N LYS B 28 7.00 -1.07 -36.07
CA LYS B 28 7.69 -2.13 -36.81
C LYS B 28 9.18 -1.84 -36.93
N GLY B 29 9.57 -0.57 -37.05
CA GLY B 29 10.98 -0.24 -37.13
C GLY B 29 11.71 -0.42 -35.82
N ILE B 30 11.04 -0.16 -34.70
CA ILE B 30 11.70 -0.01 -33.42
C ILE B 30 11.42 -1.13 -32.45
N SER B 31 10.66 -2.16 -32.84
CA SER B 31 10.34 -3.26 -31.93
C SER B 31 10.10 -4.54 -32.71
N ASP B 32 10.52 -5.65 -32.09
CA ASP B 32 10.12 -6.98 -32.56
C ASP B 32 8.75 -7.38 -32.04
N MET B 33 8.34 -6.81 -30.89
CA MET B 33 7.14 -7.29 -30.21
C MET B 33 5.89 -7.05 -31.05
N THR B 34 5.79 -5.88 -31.67
CA THR B 34 4.53 -5.49 -32.27
C THR B 34 4.78 -4.53 -33.41
N ASP B 35 3.74 -4.30 -34.20
CA ASP B 35 3.79 -3.35 -35.30
C ASP B 35 3.20 -2.00 -34.92
N TYR B 36 2.07 -2.01 -34.23
CA TYR B 36 1.34 -0.81 -33.89
C TYR B 36 0.94 -0.82 -32.42
N PHE B 37 1.12 0.33 -31.77
CA PHE B 37 0.44 0.63 -30.52
C PHE B 37 -0.77 1.49 -30.83
N VAL B 38 -1.75 1.43 -29.94
CA VAL B 38 -2.97 2.21 -30.04
C VAL B 38 -3.22 2.76 -28.63
N VAL B 39 -3.29 4.09 -28.51
CA VAL B 39 -3.60 4.71 -27.23
C VAL B 39 -4.90 5.47 -27.38
N THR B 40 -5.80 5.28 -26.42
CA THR B 40 -7.07 5.97 -26.33
C THR B 40 -7.40 6.05 -24.85
N HIS B 41 -8.45 6.80 -24.51
CA HIS B 41 -8.86 6.81 -23.12
C HIS B 41 -10.36 6.95 -23.01
N GLY B 42 -10.90 6.47 -21.88
CA GLY B 42 -12.28 6.72 -21.48
C GLY B 42 -12.32 7.53 -20.19
N ASN B 43 -13.41 8.27 -20.00
CA ASN B 43 -13.47 9.25 -18.91
C ASN B 43 -14.09 8.70 -17.64
N ASN B 44 -14.58 7.44 -17.67
CA ASN B 44 -15.08 6.74 -16.50
C ASN B 44 -14.52 5.34 -16.51
N GLU B 45 -14.44 4.72 -15.32
CA GLU B 45 -13.90 3.37 -15.24
C GLU B 45 -14.70 2.39 -16.10
N ARG B 46 -16.02 2.59 -16.20
CA ARG B 46 -16.84 1.64 -16.94
C ARG B 46 -16.70 1.83 -18.44
N GLN B 47 -16.63 3.09 -18.88
CA GLN B 47 -16.34 3.36 -20.28
C GLN B 47 -14.98 2.76 -20.70
N VAL B 48 -13.99 2.84 -19.81
CA VAL B 48 -12.69 2.20 -20.07
C VAL B 48 -12.88 0.72 -20.30
N GLN B 49 -13.53 0.03 -19.35
CA GLN B 49 -13.81 -1.39 -19.49
C GLN B 49 -14.68 -1.70 -20.70
N ALA B 50 -15.51 -0.75 -21.12
CA ALA B 50 -16.37 -0.98 -22.27
C ALA B 50 -15.59 -0.92 -23.56
N ILE B 51 -14.67 0.05 -23.68
CA ILE B 51 -13.77 0.08 -24.84
C ILE B 51 -12.96 -1.21 -24.90
N ALA B 52 -12.55 -1.71 -23.73
CA ALA B 52 -11.73 -2.91 -23.72
C ALA B 52 -12.51 -4.08 -24.29
N ARG B 53 -13.67 -4.39 -23.70
CA ARG B 53 -14.57 -5.41 -24.24
C ARG B 53 -14.84 -5.17 -25.72
N ALA B 54 -15.32 -3.97 -26.08
CA ALA B 54 -15.50 -3.60 -27.49
C ALA B 54 -14.35 -4.12 -28.34
N VAL B 55 -13.12 -3.77 -27.94
CA VAL B 55 -11.93 -4.18 -28.67
C VAL B 55 -11.79 -5.69 -28.69
N LYS B 56 -12.14 -6.33 -27.58
CA LYS B 56 -12.17 -7.79 -27.52
C LYS B 56 -13.26 -8.45 -28.38
N GLU B 57 -14.47 -7.91 -28.32
CA GLU B 57 -15.61 -8.46 -29.06
C GLU B 57 -15.37 -8.44 -30.56
N VAL B 58 -15.10 -7.26 -31.12
CA VAL B 58 -14.84 -7.16 -32.56
C VAL B 58 -13.59 -7.92 -32.93
N ALA B 59 -12.66 -8.10 -32.00
CA ALA B 59 -11.56 -9.00 -32.28
C ALA B 59 -12.06 -10.44 -32.35
N ASN B 60 -12.94 -10.81 -31.42
CA ASN B 60 -13.50 -12.15 -31.37
C ASN B 60 -14.44 -12.40 -32.55
N GLU B 61 -15.29 -11.42 -32.83
CA GLU B 61 -16.14 -11.53 -34.02
C GLU B 61 -15.32 -11.89 -35.24
N GLN B 62 -14.14 -11.30 -35.40
CA GLN B 62 -13.23 -11.72 -36.47
C GLN B 62 -12.48 -13.01 -36.15
N ASN B 63 -12.85 -13.72 -35.10
CA ASN B 63 -12.15 -14.90 -34.60
C ASN B 63 -10.71 -14.59 -34.21
N ILE B 64 -10.40 -13.34 -33.88
CA ILE B 64 -9.12 -13.02 -33.28
C ILE B 64 -9.30 -13.14 -31.76
N GLU B 65 -8.35 -13.79 -31.09
CA GLU B 65 -8.51 -14.08 -29.67
C GLU B 65 -7.49 -13.33 -28.84
N VAL B 66 -7.98 -12.57 -27.85
CA VAL B 66 -7.07 -11.83 -26.99
C VAL B 66 -6.39 -12.79 -26.01
N LYS B 67 -5.08 -12.69 -25.94
CA LYS B 67 -4.29 -13.55 -25.08
C LYS B 67 -4.61 -13.29 -23.61
N ARG B 68 -4.78 -12.02 -23.27
CA ARG B 68 -5.31 -11.61 -21.99
C ARG B 68 -5.54 -10.12 -22.01
N MET B 69 -6.28 -9.65 -21.03
CA MET B 69 -6.57 -8.25 -20.86
C MET B 69 -5.97 -7.81 -19.53
N GLU B 70 -4.98 -6.92 -19.58
CA GLU B 70 -4.21 -6.56 -18.39
C GLU B 70 -4.86 -5.37 -17.71
N GLY B 71 -5.06 -5.49 -16.40
CA GLY B 71 -5.70 -4.43 -15.65
C GLY B 71 -7.18 -4.24 -15.91
N TYR B 72 -7.92 -5.34 -16.15
CA TYR B 72 -9.34 -5.23 -16.50
C TYR B 72 -10.17 -4.78 -15.30
N ASN B 73 -10.30 -5.65 -14.29
CA ASN B 73 -11.13 -5.33 -13.12
C ASN B 73 -10.81 -3.95 -12.55
N GLU B 74 -9.54 -3.53 -12.61
CA GLU B 74 -9.16 -2.24 -12.06
C GLU B 74 -9.57 -1.07 -12.95
N ALA B 75 -9.54 -1.26 -14.27
CA ALA B 75 -9.91 -0.27 -15.30
C ALA B 75 -9.22 1.08 -15.19
N ARG B 76 -8.02 1.17 -14.58
CA ARG B 76 -7.22 2.38 -14.70
C ARG B 76 -6.40 2.38 -15.99
N TRP B 77 -5.81 1.24 -16.33
CA TRP B 77 -5.05 1.02 -17.57
C TRP B 77 -5.32 -0.39 -18.05
N ILE B 78 -5.93 -0.51 -19.22
CA ILE B 78 -6.32 -1.80 -19.78
C ILE B 78 -5.43 -2.06 -20.98
N LEU B 79 -4.68 -3.15 -20.93
CA LEU B 79 -3.86 -3.53 -22.06
C LEU B 79 -4.49 -4.76 -22.70
N ILE B 80 -4.57 -4.74 -24.04
CA ILE B 80 -5.14 -5.81 -24.85
C ILE B 80 -4.11 -6.15 -25.93
N ASP B 81 -3.48 -7.32 -25.82
CA ASP B 81 -2.42 -7.76 -26.75
C ASP B 81 -3.07 -8.54 -27.89
N LEU B 82 -2.93 -8.02 -29.10
CA LEU B 82 -3.26 -8.72 -30.34
C LEU B 82 -1.98 -9.14 -31.05
N ALA B 83 -0.86 -8.97 -30.37
CA ALA B 83 0.46 -9.36 -30.85
C ALA B 83 0.95 -8.46 -31.97
N ASP B 84 0.27 -8.46 -33.10
CA ASP B 84 0.58 -7.53 -34.16
C ASP B 84 0.26 -6.11 -33.70
N VAL B 85 -0.87 -6.00 -33.00
CA VAL B 85 -1.34 -4.73 -32.47
C VAL B 85 -1.57 -4.83 -30.97
N VAL B 86 -1.07 -3.84 -30.24
CA VAL B 86 -1.26 -3.75 -28.79
C VAL B 86 -2.04 -2.47 -28.47
N VAL B 87 -3.16 -2.61 -27.76
CA VAL B 87 -4.07 -1.51 -27.47
C VAL B 87 -4.06 -1.17 -25.98
N HIS B 88 -3.87 0.13 -25.69
CA HIS B 88 -3.81 0.67 -24.33
C HIS B 88 -5.04 1.53 -24.10
N VAL B 89 -5.90 1.11 -23.20
CA VAL B 89 -7.04 1.92 -22.87
C VAL B 89 -6.78 2.55 -21.52
N PHE B 90 -6.76 3.87 -21.50
CA PHE B 90 -6.34 4.63 -20.34
C PHE B 90 -7.49 5.42 -19.76
N HIS B 91 -7.63 5.37 -18.45
CA HIS B 91 -8.57 6.24 -17.80
C HIS B 91 -8.09 7.65 -18.04
N LYS B 92 -9.03 8.57 -18.17
CA LYS B 92 -8.71 9.94 -18.58
C LYS B 92 -7.56 10.51 -17.78
N ASP B 93 -7.62 10.37 -16.45
CA ASP B 93 -6.57 10.89 -15.59
C ASP B 93 -5.25 10.16 -15.82
N GLU B 94 -5.29 8.83 -15.88
CA GLU B 94 -4.07 8.02 -15.91
C GLU B 94 -3.25 8.25 -17.19
N ARG B 95 -3.92 8.51 -18.31
CA ARG B 95 -3.21 8.53 -19.59
C ARG B 95 -1.99 9.42 -19.58
N ASN B 96 -2.00 10.46 -18.74
CA ASN B 96 -0.97 11.49 -18.82
C ASN B 96 0.32 11.08 -18.11
N TYR B 97 0.21 10.43 -16.95
CA TYR B 97 1.38 9.99 -16.20
C TYR B 97 2.28 9.10 -17.05
N TYR B 98 1.70 8.08 -17.66
CA TYR B 98 2.44 7.20 -18.55
C TYR B 98 2.87 7.90 -19.82
N ASN B 99 1.95 8.64 -20.45
CA ASN B 99 2.27 9.43 -21.63
C ASN B 99 3.11 8.60 -22.60
N ILE B 100 2.45 7.62 -23.21
CA ILE B 100 3.16 6.64 -23.99
C ILE B 100 3.64 7.24 -25.30
N GLU B 101 2.98 8.29 -25.77
CA GLU B 101 3.40 8.94 -27.02
C GLU B 101 4.76 9.60 -26.86
N LYS B 102 4.93 10.39 -25.78
CA LYS B 102 6.20 11.06 -25.55
C LYS B 102 7.33 10.06 -25.35
N LEU B 103 7.03 8.88 -24.81
CA LEU B 103 8.04 7.83 -24.69
C LEU B 103 8.51 7.33 -26.05
N TYR B 104 7.70 7.51 -27.09
CA TYR B 104 8.02 7.00 -28.42
C TYR B 104 7.70 8.11 -29.43
N GLN B 105 8.66 9.02 -29.65
CA GLN B 105 8.57 9.99 -30.74
C GLN B 105 9.13 9.43 -32.03
N ASP B 106 10.24 8.70 -31.92
CA ASP B 106 10.85 8.02 -33.06
C ASP B 106 9.87 7.13 -33.80
N ALA B 107 8.72 6.78 -33.19
CA ALA B 107 7.71 5.98 -33.88
C ALA B 107 6.74 6.88 -34.66
N PRO B 108 6.49 6.57 -35.93
CA PRO B 108 5.50 7.36 -36.71
C PRO B 108 4.12 7.28 -36.08
N LEU B 109 3.54 8.46 -35.83
CA LEU B 109 2.27 8.58 -35.14
C LEU B 109 1.18 9.02 -36.12
N GLU B 110 -0.02 8.46 -35.93
CA GLU B 110 -1.19 8.77 -36.75
C GLU B 110 -2.36 9.14 -35.85
N SER B 111 -3.06 10.22 -36.19
CA SER B 111 -4.16 10.74 -35.38
C SER B 111 -5.49 10.33 -35.98
N TYR B 112 -6.42 9.92 -35.12
CA TYR B 112 -7.73 9.44 -35.57
C TYR B 112 -8.84 10.36 -35.05
N SER C 19 -1.05 -23.06 20.93
CA SER C 19 -0.45 -22.61 22.18
C SER C 19 0.97 -22.11 21.98
N HIS C 20 1.30 -21.73 20.76
CA HIS C 20 2.69 -21.64 20.34
C HIS C 20 2.93 -20.30 19.67
N MET C 21 4.21 -19.91 19.56
CA MET C 21 4.56 -18.52 19.27
C MET C 21 4.25 -18.13 17.83
N ILE C 22 4.53 -16.88 17.49
CA ILE C 22 4.20 -16.36 16.18
C ILE C 22 5.43 -16.29 15.31
N GLN C 23 5.39 -16.97 14.17
CA GLN C 23 6.53 -17.05 13.27
C GLN C 23 6.00 -17.08 11.84
N GLN C 24 6.91 -17.02 10.87
CA GLN C 24 6.55 -17.10 9.46
C GLN C 24 5.59 -18.25 9.20
N GLU C 25 4.62 -18.01 8.30
CA GLU C 25 3.64 -18.99 7.85
C GLU C 25 2.60 -19.33 8.93
N THR C 26 2.48 -18.52 9.99
CA THR C 26 1.47 -18.66 11.04
C THR C 26 0.28 -17.74 10.76
N ARG C 27 -0.93 -18.28 10.92
CA ARG C 27 -2.13 -17.50 10.63
C ARG C 27 -2.63 -16.76 11.88
N LEU C 28 -3.21 -15.58 11.67
CA LEU C 28 -3.63 -14.69 12.74
C LEU C 28 -4.94 -14.04 12.36
N LYS C 29 -5.83 -13.95 13.33
CA LYS C 29 -7.03 -13.15 13.21
C LYS C 29 -6.67 -11.67 13.19
N VAL C 30 -7.48 -10.86 12.53
CA VAL C 30 -7.29 -9.42 12.52
C VAL C 30 -8.36 -8.82 13.43
N ALA C 31 -7.95 -7.87 14.26
CA ALA C 31 -8.84 -7.38 15.31
C ALA C 31 -9.18 -5.92 15.11
N ASP C 32 -9.62 -5.56 13.90
CA ASP C 32 -9.97 -4.19 13.56
C ASP C 32 -10.97 -4.23 12.40
N ASN C 33 -11.48 -3.05 12.02
CA ASN C 33 -12.45 -2.93 10.94
C ASN C 33 -11.78 -2.69 9.57
N SER C 34 -10.55 -3.17 9.35
CA SER C 34 -9.79 -2.74 8.17
C SER C 34 -10.28 -3.40 6.89
N GLY C 35 -11.06 -4.46 7.00
CA GLY C 35 -11.39 -5.33 5.90
C GLY C 35 -10.66 -6.65 5.96
N ALA C 36 -9.47 -6.66 6.57
CA ALA C 36 -8.76 -7.91 6.77
C ALA C 36 -9.41 -8.68 7.91
N ARG C 37 -9.62 -9.97 7.69
CA ARG C 37 -10.17 -10.86 8.69
C ARG C 37 -9.18 -11.89 9.19
N GLU C 38 -8.19 -12.25 8.37
CA GLU C 38 -7.23 -13.28 8.76
C GLU C 38 -6.02 -13.15 7.86
N VAL C 39 -4.84 -13.03 8.48
CA VAL C 39 -3.60 -12.85 7.74
C VAL C 39 -2.71 -14.07 7.91
N LEU C 40 -1.68 -14.12 7.07
CA LEU C 40 -0.64 -15.13 7.07
C LEU C 40 0.70 -14.42 7.25
N THR C 41 1.38 -14.71 8.35
CA THR C 41 2.65 -14.04 8.59
C THR C 41 3.64 -14.47 7.52
N ILE C 42 4.38 -13.49 6.97
CA ILE C 42 5.50 -13.82 6.10
C ILE C 42 6.84 -13.41 6.69
N LYS C 43 6.88 -12.49 7.66
CA LYS C 43 8.13 -12.04 8.23
C LYS C 43 7.90 -11.23 9.50
N VAL C 44 8.63 -11.58 10.55
CA VAL C 44 8.72 -10.77 11.76
C VAL C 44 9.75 -9.69 11.51
N LEU C 45 9.37 -8.45 11.75
CA LEU C 45 10.30 -7.35 11.65
C LEU C 45 10.97 -7.15 13.00
N GLY C 46 12.04 -6.37 12.99
CA GLY C 46 12.80 -6.13 14.20
C GLY C 46 14.29 -6.32 13.97
N GLY C 47 15.10 -5.36 14.44
CA GLY C 47 16.53 -5.38 14.17
C GLY C 47 17.27 -6.61 14.67
N SER C 48 16.67 -7.35 15.62
CA SER C 48 17.27 -8.58 16.12
C SER C 48 17.30 -9.69 15.08
N GLY C 49 16.55 -9.56 13.99
CA GLY C 49 16.53 -10.56 12.94
C GLY C 49 15.91 -11.87 13.39
N ARG C 50 15.43 -11.91 14.62
CA ARG C 50 14.91 -13.15 15.18
C ARG C 50 13.52 -13.44 14.61
N LYS C 51 13.10 -14.69 14.76
CA LYS C 51 11.97 -15.22 14.03
C LYS C 51 10.74 -15.45 14.91
N THR C 52 10.74 -14.95 16.14
CA THR C 52 9.57 -15.02 17.02
C THR C 52 8.96 -13.63 17.16
N ALA C 53 7.63 -13.56 17.06
CA ALA C 53 6.90 -12.33 17.24
C ALA C 53 6.00 -12.46 18.47
N ASN C 54 5.98 -11.40 19.28
CA ASN C 54 5.03 -11.34 20.38
C ASN C 54 4.40 -9.95 20.40
N ILE C 55 3.66 -9.69 21.48
CA ILE C 55 2.88 -8.48 21.62
C ILE C 55 3.77 -7.29 21.36
N GLY C 56 3.27 -6.37 20.55
CA GLY C 56 3.99 -5.17 20.24
C GLY C 56 4.95 -5.32 19.09
N ASP C 57 5.13 -6.53 18.57
CA ASP C 57 5.98 -6.70 17.39
C ASP C 57 5.20 -6.45 16.11
N VAL C 58 5.85 -5.76 15.19
CA VAL C 58 5.37 -5.53 13.83
C VAL C 58 5.74 -6.70 12.94
N ILE C 59 4.79 -7.16 12.11
CA ILE C 59 5.01 -8.25 11.17
C ILE C 59 4.54 -7.85 9.77
N VAL C 60 5.04 -8.58 8.77
CA VAL C 60 4.55 -8.49 7.41
C VAL C 60 3.68 -9.69 7.16
N CYS C 61 2.54 -9.48 6.52
CA CYS C 61 1.67 -10.62 6.28
C CYS C 61 0.86 -10.40 5.00
N THR C 62 0.28 -11.49 4.50
CA THR C 62 -0.59 -11.45 3.33
C THR C 62 -2.01 -11.72 3.77
N VAL C 63 -2.94 -10.87 3.33
CA VAL C 63 -4.33 -11.07 3.71
C VAL C 63 -4.87 -12.32 3.02
N LYS C 64 -5.31 -13.30 3.82
CA LYS C 64 -5.85 -14.56 3.30
C LYS C 64 -7.36 -14.63 3.36
N ASN C 65 -8.01 -13.73 4.08
CA ASN C 65 -9.47 -13.66 4.16
C ASN C 65 -9.83 -12.20 4.39
N ALA C 66 -10.79 -11.69 3.64
CA ALA C 66 -11.22 -10.32 3.81
C ALA C 66 -12.73 -10.25 3.73
N THR C 67 -13.26 -9.17 4.27
CA THR C 67 -14.67 -8.89 4.25
C THR C 67 -15.01 -8.01 3.06
N PRO C 68 -16.08 -8.36 2.34
CA PRO C 68 -16.53 -7.52 1.23
C PRO C 68 -16.69 -6.08 1.67
N GLY C 69 -16.35 -5.17 0.77
CA GLY C 69 -16.52 -3.77 1.06
C GLY C 69 -15.46 -3.13 1.92
N GLY C 70 -14.49 -3.91 2.44
CA GLY C 70 -13.43 -3.32 3.25
C GLY C 70 -12.36 -2.64 2.40
N VAL C 71 -11.59 -1.75 3.03
CA VAL C 71 -10.47 -1.12 2.32
C VAL C 71 -9.39 -2.15 2.00
N VAL C 72 -9.15 -3.11 2.90
CA VAL C 72 -8.07 -4.09 2.74
C VAL C 72 -8.65 -5.36 2.14
N LYS C 73 -8.04 -5.85 1.06
CA LYS C 73 -8.55 -6.93 0.23
C LYS C 73 -7.60 -8.13 0.23
N LYS C 74 -8.18 -9.31 0.00
CA LYS C 74 -7.40 -10.55 0.02
C LYS C 74 -6.19 -10.48 -0.91
N GLY C 75 -5.06 -11.06 -0.48
CA GLY C 75 -3.83 -11.02 -1.24
C GLY C 75 -2.94 -9.82 -0.99
N ASP C 76 -3.46 -8.71 -0.45
CA ASP C 76 -2.60 -7.57 -0.16
C ASP C 76 -1.49 -7.94 0.80
N VAL C 77 -0.38 -7.24 0.71
CA VAL C 77 0.70 -7.37 1.68
C VAL C 77 0.68 -6.17 2.59
N VAL C 78 0.60 -6.45 3.89
CA VAL C 78 0.47 -5.41 4.89
C VAL C 78 1.38 -5.75 6.06
N LYS C 79 1.63 -4.71 6.83
CA LYS C 79 2.24 -4.75 8.15
C LYS C 79 1.13 -4.74 9.21
N ALA C 80 1.40 -5.38 10.32
CA ALA C 80 0.44 -5.48 11.39
C ALA C 80 1.21 -5.61 12.70
N VAL C 81 0.67 -5.01 13.78
CA VAL C 81 1.22 -5.12 15.14
C VAL C 81 0.45 -6.18 15.92
N ILE C 82 1.18 -7.12 16.53
CA ILE C 82 0.60 -8.15 17.39
C ILE C 82 0.00 -7.51 18.62
N VAL C 83 -1.26 -7.83 18.92
CA VAL C 83 -1.96 -7.21 20.01
C VAL C 83 -2.51 -8.21 21.01
N ARG C 84 -2.62 -9.48 20.62
CA ARG C 84 -2.96 -10.59 21.51
C ARG C 84 -2.17 -11.82 21.08
N THR C 85 -1.59 -12.54 22.05
CA THR C 85 -0.88 -13.78 21.77
C THR C 85 -1.36 -14.86 22.74
N LYS C 86 -1.64 -16.05 22.21
CA LYS C 86 -2.04 -17.18 23.03
C LYS C 86 -0.85 -17.93 23.60
N SER C 87 0.36 -17.38 23.44
CA SER C 87 1.57 -17.80 24.15
C SER C 87 2.13 -16.51 24.71
N GLY C 88 1.55 -16.05 25.82
CA GLY C 88 1.63 -14.68 26.28
C GLY C 88 2.99 -14.17 26.72
N VAL C 89 3.06 -12.93 27.20
CA VAL C 89 4.30 -12.40 27.73
C VAL C 89 4.23 -11.96 29.18
N ARG C 90 5.39 -11.98 29.85
CA ARG C 90 5.46 -11.66 31.27
C ARG C 90 5.88 -10.22 31.48
N ARG C 91 5.19 -9.56 32.39
CA ARG C 91 5.43 -8.17 32.70
C ARG C 91 6.62 -8.00 33.62
N ASN C 92 7.08 -6.75 33.71
CA ASN C 92 8.02 -6.35 34.75
C ASN C 92 7.48 -6.70 36.13
N ASP C 93 6.15 -6.75 36.25
CA ASP C 93 5.43 -7.04 37.48
C ASP C 93 5.62 -8.50 37.93
N GLY C 94 6.19 -9.35 37.08
CA GLY C 94 6.09 -10.78 37.31
C GLY C 94 4.76 -11.37 36.91
N SER C 95 3.77 -10.53 36.61
CA SER C 95 2.52 -10.97 36.01
C SER C 95 2.80 -11.60 34.65
N TYR C 96 2.07 -12.67 34.32
CA TYR C 96 2.12 -13.23 32.99
C TYR C 96 0.71 -13.21 32.40
N ILE C 97 0.55 -12.49 31.29
CA ILE C 97 -0.74 -12.35 30.60
C ILE C 97 -0.75 -13.24 29.36
N LYS C 98 -1.92 -13.82 29.12
CA LYS C 98 -2.17 -14.64 27.95
C LYS C 98 -3.57 -14.37 27.43
N PHE C 99 -3.79 -14.65 26.16
CA PHE C 99 -5.10 -14.47 25.52
C PHE C 99 -5.50 -15.78 24.85
N ASP C 100 -6.80 -15.92 24.59
CA ASP C 100 -7.30 -17.16 23.99
C ASP C 100 -6.94 -17.31 22.52
N GLU C 101 -6.42 -16.28 21.86
CA GLU C 101 -6.19 -16.32 20.42
C GLU C 101 -5.05 -15.38 20.05
N ASN C 102 -4.44 -15.65 18.88
CA ASN C 102 -3.51 -14.71 18.28
C ASN C 102 -4.27 -13.66 17.47
N ALA C 103 -3.83 -12.42 17.55
CA ALA C 103 -4.54 -11.33 16.91
C ALA C 103 -3.55 -10.22 16.60
N CYS C 104 -3.77 -9.51 15.46
CA CYS C 104 -2.97 -8.32 15.16
C CYS C 104 -3.85 -7.18 14.66
N VAL C 105 -3.24 -6.02 14.46
CA VAL C 105 -3.92 -4.85 13.92
C VAL C 105 -3.07 -4.31 12.77
N ILE C 106 -3.61 -4.39 11.54
CA ILE C 106 -3.02 -3.77 10.34
C ILE C 106 -2.68 -2.31 10.62
N ILE C 107 -1.48 -1.90 10.25
CA ILE C 107 -1.01 -0.57 10.59
C ILE C 107 -0.48 0.09 9.34
N ARG C 108 -0.53 1.41 9.33
CA ARG C 108 0.13 2.25 8.36
C ARG C 108 1.65 2.26 8.62
N ASP C 109 2.36 3.03 7.80
CA ASP C 109 3.83 3.00 7.86
C ASP C 109 4.33 3.77 9.07
N ASP C 110 3.54 4.73 9.53
CA ASP C 110 3.84 5.53 10.70
C ASP C 110 3.25 4.93 11.98
N LYS C 111 2.64 3.76 11.84
CA LYS C 111 2.10 2.97 12.96
C LYS C 111 0.65 3.26 13.33
N GLY C 112 0.03 4.24 12.69
CA GLY C 112 -1.39 4.48 12.89
C GLY C 112 -2.17 3.34 12.27
N PRO C 113 -3.30 2.96 12.86
CA PRO C 113 -4.08 1.84 12.28
C PRO C 113 -4.58 2.17 10.87
N ARG C 114 -4.54 1.14 10.01
CA ARG C 114 -5.23 1.20 8.72
C ARG C 114 -6.73 1.45 8.92
N GLY C 115 -7.41 0.56 9.64
CA GLY C 115 -8.78 0.73 10.05
C GLY C 115 -9.05 1.90 10.99
N THR C 116 -10.29 1.91 11.52
CA THR C 116 -10.72 2.94 12.47
C THR C 116 -11.30 2.39 13.76
N ARG C 117 -11.34 1.08 13.93
CA ARG C 117 -11.99 0.49 15.10
C ARG C 117 -11.21 -0.76 15.49
N ILE C 118 -11.12 -1.04 16.79
CA ILE C 118 -10.37 -2.19 17.28
C ILE C 118 -11.33 -3.12 18.03
N PHE C 119 -11.10 -4.42 17.92
CA PHE C 119 -12.04 -5.39 18.43
C PHE C 119 -11.36 -6.27 19.47
N GLY C 120 -11.93 -6.29 20.67
CA GLY C 120 -11.47 -7.15 21.73
C GLY C 120 -10.36 -6.48 22.50
N PRO C 121 -9.72 -7.24 23.40
CA PRO C 121 -8.67 -6.66 24.26
C PRO C 121 -7.32 -6.59 23.56
N VAL C 122 -6.61 -5.53 23.87
CA VAL C 122 -5.22 -5.35 23.45
C VAL C 122 -4.38 -5.16 24.69
N ALA C 123 -3.12 -5.63 24.61
CA ALA C 123 -2.13 -5.55 25.68
C ALA C 123 -1.58 -4.14 25.83
N ARG C 124 -1.37 -3.69 27.09
CA ARG C 124 -1.01 -2.28 27.34
C ARG C 124 0.41 -1.93 26.87
N GLU C 125 1.28 -2.91 26.64
CA GLU C 125 2.59 -2.68 26.05
C GLU C 125 2.54 -1.81 24.79
N LEU C 126 1.44 -1.88 24.01
CA LEU C 126 1.32 -1.07 22.81
C LEU C 126 1.59 0.39 23.08
N ARG C 127 1.28 0.89 24.28
CA ARG C 127 1.49 2.33 24.50
C ARG C 127 2.97 2.67 24.48
N GLU C 128 3.80 1.82 25.09
CA GLU C 128 5.25 2.01 25.04
C GLU C 128 5.79 1.75 23.65
N GLY C 129 5.14 0.87 22.87
CA GLY C 129 5.49 0.65 21.48
C GLY C 129 5.20 1.80 20.54
N ASN C 130 4.56 2.87 21.03
CA ASN C 130 4.09 3.96 20.21
C ASN C 130 2.84 3.60 19.37
N PHE C 131 2.15 2.51 19.72
CA PHE C 131 0.81 2.19 19.24
C PHE C 131 -0.29 2.75 20.14
N MET C 132 -0.14 3.97 20.65
CA MET C 132 -1.12 4.47 21.60
C MET C 132 -2.42 4.86 20.90
N LYS C 133 -2.37 5.07 19.57
CA LYS C 133 -3.60 5.20 18.79
C LYS C 133 -4.44 3.93 18.87
N ILE C 134 -3.81 2.78 18.68
CA ILE C 134 -4.55 1.53 18.83
C ILE C 134 -5.07 1.37 20.24
N VAL C 135 -4.32 1.84 21.24
CA VAL C 135 -4.78 1.71 22.63
C VAL C 135 -6.01 2.56 22.84
N SER C 136 -6.02 3.76 22.24
CA SER C 136 -7.11 4.71 22.45
C SER C 136 -8.39 4.28 21.75
N LEU C 137 -8.30 3.46 20.74
CA LEU C 137 -9.49 2.91 20.10
C LEU C 137 -9.92 1.57 20.70
N ALA C 138 -9.12 0.98 21.59
CA ALA C 138 -9.47 -0.41 21.89
C ALA C 138 -10.48 -0.48 23.03
N PRO C 139 -11.45 -1.42 22.95
CA PRO C 139 -12.47 -1.46 24.01
C PRO C 139 -11.86 -1.83 25.34
N GLU C 140 -10.89 -2.72 25.33
CA GLU C 140 -10.36 -3.31 26.53
C GLU C 140 -8.84 -3.33 26.44
N VAL C 141 -8.19 -2.84 27.48
CA VAL C 141 -6.75 -2.85 27.59
C VAL C 141 -6.39 -3.69 28.80
N LEU C 142 -5.62 -4.77 28.57
CA LEU C 142 -5.21 -5.71 29.61
C LEU C 142 -3.72 -5.64 29.84
N MET D 21 20.90 -17.45 -7.90
CA MET D 21 19.45 -17.56 -7.91
C MET D 21 18.81 -16.64 -6.84
N ILE D 22 17.48 -16.50 -6.89
CA ILE D 22 16.74 -15.48 -6.12
C ILE D 22 15.80 -16.19 -5.16
N GLN D 23 15.96 -15.89 -3.88
CA GLN D 23 15.30 -16.61 -2.80
C GLN D 23 15.12 -15.61 -1.66
N GLN D 24 14.45 -16.04 -0.59
CA GLN D 24 14.30 -15.14 0.55
C GLN D 24 15.68 -14.65 1.00
N GLU D 25 15.78 -13.32 1.18
CA GLU D 25 16.92 -12.51 1.61
C GLU D 25 17.80 -12.09 0.43
N THR D 26 17.52 -12.48 -0.80
CA THR D 26 18.31 -11.97 -1.91
C THR D 26 18.01 -10.49 -2.10
N ARG D 27 19.06 -9.69 -2.26
CA ARG D 27 18.95 -8.27 -2.57
C ARG D 27 18.86 -8.07 -4.09
N LEU D 28 17.92 -7.21 -4.53
CA LEU D 28 17.70 -6.94 -5.95
C LEU D 28 17.69 -5.44 -6.22
N LYS D 29 18.25 -5.07 -7.37
CA LYS D 29 18.10 -3.74 -7.93
C LYS D 29 16.71 -3.56 -8.54
N VAL D 30 16.25 -2.31 -8.59
CA VAL D 30 14.90 -1.97 -9.03
C VAL D 30 15.02 -1.16 -10.30
N ALA D 31 14.40 -1.64 -11.39
CA ALA D 31 14.60 -1.09 -12.72
C ALA D 31 13.53 -0.09 -13.14
N ASP D 32 12.93 0.61 -12.19
CA ASP D 32 11.86 1.52 -12.56
C ASP D 32 12.13 2.86 -11.90
N ASN D 33 11.32 3.87 -12.23
CA ASN D 33 11.36 5.15 -11.52
C ASN D 33 10.38 5.18 -10.36
N SER D 34 10.04 4.03 -9.76
CA SER D 34 9.07 4.12 -8.68
C SER D 34 9.59 4.87 -7.46
N GLY D 35 10.91 5.05 -7.35
CA GLY D 35 11.49 5.55 -6.11
C GLY D 35 12.39 4.51 -5.49
N ALA D 36 11.96 3.25 -5.51
CA ALA D 36 12.77 2.16 -4.98
C ALA D 36 14.03 1.94 -5.82
N ARG D 37 15.16 1.78 -5.13
CA ARG D 37 16.47 1.55 -5.76
C ARG D 37 16.95 0.14 -5.55
N GLU D 38 16.67 -0.42 -4.39
CA GLU D 38 17.16 -1.73 -4.03
C GLU D 38 16.20 -2.29 -3.01
N VAL D 39 15.92 -3.60 -3.10
CA VAL D 39 14.95 -4.25 -2.23
C VAL D 39 15.54 -5.56 -1.74
N LEU D 40 14.94 -6.07 -0.67
CA LEU D 40 15.35 -7.31 -0.04
C LEU D 40 14.21 -8.30 -0.11
N THR D 41 14.41 -9.42 -0.80
CA THR D 41 13.28 -10.30 -1.00
C THR D 41 12.93 -10.98 0.32
N ILE D 42 11.64 -10.98 0.66
CA ILE D 42 11.18 -11.66 1.87
C ILE D 42 10.20 -12.78 1.56
N LYS D 43 9.62 -12.85 0.36
CA LYS D 43 8.85 -14.04 -0.04
C LYS D 43 8.63 -14.08 -1.55
N VAL D 44 8.89 -15.24 -2.14
CA VAL D 44 8.54 -15.50 -3.52
C VAL D 44 7.11 -16.00 -3.54
N LEU D 45 6.25 -15.30 -4.29
CA LEU D 45 4.86 -15.68 -4.43
C LEU D 45 4.77 -16.72 -5.53
N GLY D 46 3.95 -17.74 -5.32
CA GLY D 46 3.76 -18.74 -6.34
C GLY D 46 2.73 -19.77 -5.93
N GLY D 47 2.09 -20.36 -6.93
CA GLY D 47 1.18 -21.47 -6.66
C GLY D 47 1.89 -22.69 -6.10
N SER D 48 3.15 -22.87 -6.50
CA SER D 48 3.90 -24.05 -6.07
C SER D 48 4.35 -23.94 -4.62
N GLY D 49 4.64 -22.72 -4.16
CA GLY D 49 5.37 -22.55 -2.94
C GLY D 49 6.87 -22.72 -3.09
N ARG D 50 7.34 -22.67 -4.34
CA ARG D 50 8.76 -22.84 -4.66
C ARG D 50 9.59 -21.72 -4.04
N LYS D 51 10.81 -22.04 -3.63
CA LYS D 51 11.64 -21.10 -2.91
C LYS D 51 12.47 -20.20 -3.82
N THR D 52 12.43 -20.42 -5.14
CA THR D 52 13.28 -19.71 -6.10
C THR D 52 12.44 -18.87 -7.06
N ALA D 53 12.98 -17.72 -7.45
CA ALA D 53 12.29 -16.76 -8.30
C ALA D 53 12.98 -16.62 -9.65
N ASN D 54 12.25 -16.91 -10.73
CA ASN D 54 12.69 -16.77 -12.12
C ASN D 54 12.00 -15.56 -12.77
N ILE D 55 12.20 -15.40 -14.08
CA ILE D 55 11.67 -14.25 -14.78
C ILE D 55 10.16 -14.32 -14.81
N GLY D 56 9.51 -13.18 -14.60
CA GLY D 56 8.04 -13.15 -14.49
C GLY D 56 7.50 -13.64 -13.16
N ASP D 57 8.34 -13.94 -12.17
CA ASP D 57 7.85 -14.30 -10.84
C ASP D 57 7.64 -13.05 -10.01
N VAL D 58 6.64 -13.08 -9.13
CA VAL D 58 6.38 -11.99 -8.21
C VAL D 58 7.05 -12.30 -6.87
N ILE D 59 7.61 -11.27 -6.26
CA ILE D 59 8.19 -11.41 -4.93
C ILE D 59 7.65 -10.33 -4.02
N VAL D 60 7.61 -10.64 -2.73
CA VAL D 60 7.31 -9.64 -1.74
C VAL D 60 8.64 -9.23 -1.17
N CYS D 61 8.91 -7.93 -1.16
CA CYS D 61 10.18 -7.46 -0.67
C CYS D 61 10.09 -6.14 0.06
N THR D 62 11.05 -5.92 0.92
CA THR D 62 11.24 -4.66 1.64
C THR D 62 12.12 -3.74 0.83
N VAL D 63 11.71 -2.49 0.72
CA VAL D 63 12.53 -1.47 0.06
C VAL D 63 13.65 -1.08 1.01
N LYS D 64 14.90 -1.27 0.59
CA LYS D 64 16.05 -0.96 1.43
C LYS D 64 16.73 0.34 1.08
N ASN D 65 16.58 0.83 -0.15
CA ASN D 65 17.08 2.15 -0.52
C ASN D 65 16.10 2.80 -1.49
N ALA D 66 16.01 4.12 -1.43
CA ALA D 66 15.09 4.87 -2.26
C ALA D 66 15.79 6.11 -2.78
N THR D 67 15.26 6.67 -3.90
CA THR D 67 15.78 8.00 -4.18
C THR D 67 14.86 9.05 -3.57
N PRO D 68 15.42 10.21 -3.20
CA PRO D 68 14.58 11.29 -2.66
C PRO D 68 13.43 11.62 -3.59
N GLY D 69 12.29 11.99 -3.01
CA GLY D 69 11.08 12.02 -3.80
C GLY D 69 10.68 10.60 -4.20
N GLY D 70 9.97 10.50 -5.31
CA GLY D 70 9.57 9.18 -5.77
C GLY D 70 8.47 8.58 -4.90
N VAL D 71 7.65 7.72 -5.50
CA VAL D 71 6.45 7.32 -4.80
C VAL D 71 6.72 6.19 -3.81
N VAL D 72 7.80 5.46 -3.93
CA VAL D 72 8.06 4.38 -2.98
C VAL D 72 9.19 4.78 -2.03
N LYS D 73 9.00 4.52 -0.74
CA LYS D 73 9.87 5.03 0.31
C LYS D 73 10.54 3.87 1.04
N LYS D 74 11.79 4.10 1.43
CA LYS D 74 12.55 3.15 2.24
C LYS D 74 11.67 2.61 3.36
N GLY D 75 11.74 1.31 3.59
CA GLY D 75 10.90 0.65 4.56
C GLY D 75 9.60 0.08 4.01
N ASP D 76 9.13 0.55 2.85
CA ASP D 76 7.89 0.01 2.31
C ASP D 76 8.06 -1.47 2.01
N VAL D 77 7.03 -2.24 2.26
CA VAL D 77 6.97 -3.60 1.75
C VAL D 77 5.99 -3.60 0.59
N VAL D 78 6.46 -4.09 -0.56
CA VAL D 78 5.75 -4.00 -1.82
C VAL D 78 5.81 -5.35 -2.52
N LYS D 79 5.01 -5.50 -3.56
CA LYS D 79 5.16 -6.57 -4.51
C LYS D 79 6.08 -6.11 -5.66
N ALA D 80 6.68 -7.08 -6.33
CA ALA D 80 7.51 -6.71 -7.48
C ALA D 80 7.67 -7.91 -8.41
N VAL D 81 7.77 -7.64 -9.72
CA VAL D 81 8.01 -8.70 -10.71
C VAL D 81 9.49 -8.75 -11.09
N ILE D 82 10.01 -9.97 -11.25
CA ILE D 82 11.37 -10.20 -11.69
C ILE D 82 11.47 -10.00 -13.21
N VAL D 83 12.27 -9.04 -13.62
CA VAL D 83 12.41 -8.71 -15.07
C VAL D 83 13.77 -9.11 -15.63
N ARG D 84 14.84 -9.26 -14.83
CA ARG D 84 16.16 -9.71 -15.21
C ARG D 84 16.73 -10.67 -14.18
N THR D 85 17.30 -11.78 -14.64
CA THR D 85 17.99 -12.72 -13.74
C THR D 85 19.39 -13.08 -14.25
N LYS D 86 20.36 -13.01 -13.34
CA LYS D 86 21.69 -13.57 -13.61
C LYS D 86 21.60 -15.05 -13.99
N SER D 87 20.73 -15.81 -13.34
CA SER D 87 20.48 -17.19 -13.79
C SER D 87 20.09 -17.21 -15.26
N GLY D 88 19.33 -16.23 -15.69
CA GLY D 88 18.88 -16.18 -17.05
C GLY D 88 17.78 -17.19 -17.30
N VAL D 89 17.37 -17.24 -18.56
CA VAL D 89 16.36 -18.20 -18.99
C VAL D 89 16.87 -18.87 -20.25
N ARG D 90 16.64 -20.18 -20.32
CA ARG D 90 17.05 -21.01 -21.42
C ARG D 90 15.85 -21.22 -22.32
N ARG D 91 16.03 -21.03 -23.61
CA ARG D 91 14.94 -21.01 -24.55
C ARG D 91 15.10 -22.18 -25.51
N ASN D 92 13.95 -22.63 -26.04
CA ASN D 92 13.89 -23.85 -26.85
C ASN D 92 14.53 -23.70 -28.21
N ASP D 93 15.00 -22.52 -28.57
CA ASP D 93 15.70 -22.37 -29.83
C ASP D 93 17.21 -22.57 -29.68
N GLY D 94 17.69 -22.73 -28.45
CA GLY D 94 19.09 -22.94 -28.17
C GLY D 94 19.75 -21.81 -27.41
N SER D 95 19.22 -20.60 -27.53
CA SER D 95 19.86 -19.43 -26.95
C SER D 95 19.57 -19.35 -25.45
N TYR D 96 20.46 -18.66 -24.75
CA TYR D 96 20.52 -18.71 -23.30
C TYR D 96 20.71 -17.26 -22.90
N ILE D 97 19.60 -16.53 -22.68
CA ILE D 97 19.70 -15.13 -22.29
C ILE D 97 20.11 -15.04 -20.81
N LYS D 98 21.01 -14.11 -20.52
CA LYS D 98 21.46 -13.90 -19.15
C LYS D 98 21.62 -12.41 -18.96
N PHE D 99 21.46 -11.97 -17.73
CA PHE D 99 21.66 -10.55 -17.44
C PHE D 99 22.73 -10.38 -16.36
N ASP D 100 23.30 -9.18 -16.35
CA ASP D 100 24.40 -8.81 -15.46
C ASP D 100 23.97 -8.66 -14.01
N GLU D 101 22.73 -9.00 -13.67
CA GLU D 101 22.10 -8.62 -12.41
C GLU D 101 20.77 -9.32 -12.27
N ASN D 102 20.35 -9.49 -11.03
CA ASN D 102 18.96 -9.76 -10.74
C ASN D 102 18.27 -8.41 -10.53
N ALA D 103 17.09 -8.25 -11.14
CA ALA D 103 16.43 -6.97 -11.02
C ALA D 103 14.92 -7.14 -11.15
N CYS D 104 14.19 -6.22 -10.53
CA CYS D 104 12.75 -6.31 -10.48
C CYS D 104 12.15 -4.95 -10.76
N VAL D 105 10.83 -4.97 -10.88
CA VAL D 105 9.99 -3.80 -11.11
C VAL D 105 8.84 -3.83 -10.11
N ILE D 106 8.56 -2.68 -9.51
CA ILE D 106 7.51 -2.61 -8.49
C ILE D 106 6.14 -2.60 -9.18
N ILE D 107 5.20 -3.38 -8.65
CA ILE D 107 3.90 -3.54 -9.30
C ILE D 107 2.77 -3.22 -8.33
N ARG D 108 1.67 -2.74 -8.90
CA ARG D 108 0.43 -2.67 -8.14
C ARG D 108 -0.19 -4.06 -8.03
N ASP D 109 -1.31 -4.14 -7.33
CA ASP D 109 -1.92 -5.44 -7.08
C ASP D 109 -2.43 -6.10 -8.37
N ASP D 110 -2.84 -5.30 -9.38
CA ASP D 110 -3.27 -5.80 -10.68
C ASP D 110 -2.11 -6.05 -11.66
N LYS D 111 -0.88 -6.20 -11.19
CA LYS D 111 0.35 -6.36 -11.97
C LYS D 111 0.76 -5.10 -12.77
N GLY D 112 0.01 -4.01 -12.74
CA GLY D 112 0.45 -2.84 -13.48
C GLY D 112 1.63 -2.23 -12.75
N PRO D 113 2.59 -1.65 -13.46
CA PRO D 113 3.77 -1.06 -12.77
C PRO D 113 3.38 0.04 -11.78
N ARG D 114 4.06 0.06 -10.64
CA ARG D 114 3.91 1.15 -9.68
C ARG D 114 4.43 2.49 -10.20
N GLY D 115 5.59 2.47 -10.85
CA GLY D 115 6.15 3.67 -11.47
C GLY D 115 5.64 3.80 -12.90
N THR D 116 6.31 4.66 -13.67
CA THR D 116 5.89 4.94 -15.04
C THR D 116 6.95 4.71 -16.09
N ARG D 117 8.15 4.28 -15.70
CA ARG D 117 9.25 4.17 -16.65
C ARG D 117 10.11 3.00 -16.22
N ILE D 118 10.62 2.28 -17.22
CA ILE D 118 11.41 1.08 -17.02
C ILE D 118 12.79 1.39 -17.60
N PHE D 119 13.85 0.95 -16.90
CA PHE D 119 15.21 1.21 -17.35
C PHE D 119 15.92 -0.11 -17.59
N GLY D 120 16.66 -0.20 -18.70
CA GLY D 120 17.41 -1.40 -19.01
C GLY D 120 16.54 -2.47 -19.66
N PRO D 121 17.15 -3.62 -19.96
CA PRO D 121 16.42 -4.66 -20.69
C PRO D 121 15.57 -5.55 -19.79
N VAL D 122 14.51 -6.07 -20.38
CA VAL D 122 13.66 -7.03 -19.71
C VAL D 122 13.53 -8.25 -20.64
N ALA D 123 13.08 -9.34 -20.05
CA ALA D 123 12.94 -10.56 -20.80
C ALA D 123 11.55 -10.60 -21.42
N ARG D 124 11.49 -11.03 -22.66
CA ARG D 124 10.23 -11.03 -23.38
C ARG D 124 9.25 -11.88 -22.60
N GLU D 125 9.74 -12.95 -21.99
CA GLU D 125 8.81 -13.89 -21.36
C GLU D 125 7.79 -13.17 -20.50
N LEU D 126 8.15 -11.97 -19.98
CA LEU D 126 7.18 -11.10 -19.30
C LEU D 126 5.89 -10.96 -20.09
N ARG D 127 5.96 -10.86 -21.41
CA ARG D 127 4.74 -10.76 -22.25
C ARG D 127 3.79 -11.93 -22.02
N GLU D 128 4.27 -13.15 -22.14
CA GLU D 128 3.39 -14.26 -21.87
C GLU D 128 2.99 -14.35 -20.40
N GLY D 129 3.47 -13.46 -19.54
CA GLY D 129 3.18 -13.58 -18.13
C GLY D 129 2.16 -12.60 -17.60
N ASN D 130 1.51 -11.82 -18.46
CA ASN D 130 0.60 -10.74 -18.06
C ASN D 130 1.35 -9.55 -17.51
N PHE D 131 2.55 -9.32 -18.02
CA PHE D 131 3.33 -8.14 -17.69
C PHE D 131 3.74 -7.42 -18.97
N MET D 132 2.87 -7.51 -19.97
CA MET D 132 3.09 -6.79 -21.21
C MET D 132 3.12 -5.28 -21.00
N LYS D 133 2.47 -4.76 -19.96
CA LYS D 133 2.61 -3.33 -19.61
C LYS D 133 4.09 -2.96 -19.39
N ILE D 134 4.80 -3.71 -18.54
CA ILE D 134 6.24 -3.48 -18.34
C ILE D 134 6.97 -3.58 -19.69
N VAL D 135 6.67 -4.65 -20.46
CA VAL D 135 7.31 -4.83 -21.76
C VAL D 135 7.13 -3.58 -22.62
N SER D 136 5.87 -3.10 -22.73
CA SER D 136 5.52 -1.91 -23.50
C SER D 136 6.30 -0.65 -23.08
N LEU D 137 6.64 -0.52 -21.80
CA LEU D 137 7.50 0.58 -21.33
C LEU D 137 8.99 0.26 -21.42
N ALA D 138 9.37 -0.96 -21.86
CA ALA D 138 10.82 -1.15 -21.73
C ALA D 138 11.56 -0.57 -22.93
N PRO D 139 12.71 0.08 -22.71
CA PRO D 139 13.53 0.56 -23.84
C PRO D 139 14.16 -0.56 -24.63
N GLU D 140 14.27 -1.76 -24.06
CA GLU D 140 14.89 -2.89 -24.71
C GLU D 140 14.22 -4.16 -24.21
N VAL D 141 13.91 -5.08 -25.13
CA VAL D 141 13.28 -6.34 -24.80
C VAL D 141 14.09 -7.47 -25.42
N LEU D 142 14.51 -8.39 -24.59
CA LEU D 142 15.31 -9.50 -25.05
C LEU D 142 14.72 -10.75 -24.43
C ACY E . -4.28 20.19 3.67
O ACY E . -3.72 20.90 4.52
OXT ACY E . -3.72 19.18 3.17
CH3 ACY E . -5.68 20.52 3.23
C ACY F . -10.88 -14.87 -25.86
O ACY F . -11.95 -14.28 -25.58
OXT ACY F . -10.10 -14.44 -26.74
CH3 ACY F . -10.52 -16.12 -25.13
P PO4 G . -15.96 -6.07 10.94
O1 PO4 G . -16.99 -5.46 11.90
O2 PO4 G . -15.25 -7.23 11.63
O3 PO4 G . -14.95 -5.02 10.57
O4 PO4 G . -16.65 -6.54 9.67
C ACY H . -8.77 2.98 26.42
O ACY H . -9.97 3.26 26.57
OXT ACY H . -8.38 2.16 25.57
CH3 ACY H . -7.75 3.66 27.29
C ACY I . -0.07 4.65 4.79
O ACY I . -0.34 5.73 5.34
OXT ACY I . 0.98 4.02 5.06
CH3 ACY I . -1.00 4.10 3.76
#